data_6GJE
#
_entry.id   6GJE
#
_cell.length_a   70.280
_cell.length_b   158.840
_cell.length_c   237.160
_cell.angle_alpha   90.00
_cell.angle_beta   90.00
_cell.angle_gamma   90.00
#
_symmetry.space_group_name_H-M   'I 2 2 2'
#
loop_
_entity.id
_entity.type
_entity.pdbx_description
1 polymer 'Protein amnionless'
2 polymer Cubilin
3 water water
#
loop_
_entity_poly.entity_id
_entity_poly.type
_entity_poly.pdbx_seq_one_letter_code
_entity_poly.pdbx_strand_id
1 'polypeptide(L)'
;VSKLWVPNTDFDVAANWSQNRTPCAGGAVEFPADKMVSVLVQEGHAVSDMLLPLDGELVLASGAGFGVSDVGSHLDCGAG
EPAVFRDSDRFSWHDPHLWRSGDEAPGLFFVDAERVPCRHDDVFFPPSASFRVGLGPGASPVRVRSISALGRTFTRDEDL
AVFLASRAGRLRFHGPGALSVGPEDCADPSGCVCGNAEAQPWICAALLQPLGGRCPQAACHSALRPQGQCCDLCGAVVLL
THGPAFDLERYRARILDTFLGLPQYHGLQVAVSKVPRSSRLREADTEIQVVLVENGPETGGAGRLARALLADVAENGEAL
GVLEATMRESGAHVWGSS
;
A
2 'polypeptide(L)'
;GELELQRQKRSINLQQPRMATERGNLVFLTGSAQNIEFRTGSLGKIKLNDEDLSECLHQIQKNKEDIIELKGSAIGLPQN
ISSQIYQLNSKLVDLERKFQGLQQTVDKKV
;
B,C,D
#
# COMPACT_ATOMS: atom_id res chain seq x y z
N VAL A 1 8.35 -24.25 14.91
CA VAL A 1 7.52 -23.35 15.71
C VAL A 1 7.25 -21.92 15.16
N SER A 2 6.03 -21.73 14.66
CA SER A 2 5.59 -20.53 13.97
C SER A 2 4.81 -19.65 14.92
N LYS A 3 5.11 -18.36 14.88
CA LYS A 3 4.33 -17.33 15.54
C LYS A 3 3.65 -16.48 14.49
N LEU A 4 2.34 -16.31 14.62
CA LEU A 4 1.54 -15.58 13.65
C LEU A 4 1.01 -14.29 14.25
N TRP A 5 1.06 -13.21 13.49
CA TRP A 5 0.57 -11.92 13.94
C TRP A 5 -0.95 -11.85 13.82
N VAL A 6 -1.61 -11.49 14.92
CA VAL A 6 -3.07 -11.50 14.99
C VAL A 6 -3.76 -10.25 14.45
N PRO A 7 -3.40 -9.03 14.87
CA PRO A 7 -4.20 -7.85 14.50
C PRO A 7 -3.85 -7.42 13.08
N ASN A 8 -4.53 -6.38 12.61
CA ASN A 8 -4.32 -5.94 11.24
C ASN A 8 -4.70 -4.47 11.12
N THR A 9 -4.48 -3.91 9.93
CA THR A 9 -4.91 -2.57 9.59
C THR A 9 -5.96 -2.59 8.48
N ASP A 10 -6.78 -3.65 8.43
CA ASP A 10 -7.77 -3.79 7.38
C ASP A 10 -8.85 -2.72 7.50
N PHE A 11 -9.36 -2.30 6.34
CA PHE A 11 -10.43 -1.30 6.30
C PHE A 11 -11.72 -1.86 6.86
N ASP A 12 -12.06 -3.11 6.52
CA ASP A 12 -13.36 -3.69 6.81
C ASP A 12 -13.41 -4.43 8.15
N VAL A 13 -12.75 -3.87 9.16
CA VAL A 13 -12.64 -4.45 10.50
C VAL A 13 -13.00 -3.38 11.52
N ALA A 14 -14.11 -3.59 12.24
CA ALA A 14 -14.68 -2.56 13.08
C ALA A 14 -13.73 -2.12 14.19
N ALA A 15 -12.90 -3.03 14.70
CA ALA A 15 -12.00 -2.69 15.81
C ALA A 15 -10.94 -1.67 15.40
N ASN A 16 -10.67 -1.51 14.12
CA ASN A 16 -9.64 -0.59 13.66
C ASN A 16 -10.13 0.85 13.54
N TRP A 17 -11.39 1.11 13.83
CA TRP A 17 -11.97 2.44 13.71
C TRP A 17 -12.26 3.01 15.09
N SER A 18 -12.20 4.34 15.19
CA SER A 18 -12.27 5.05 16.46
C SER A 18 -13.53 4.65 17.22
N GLN A 19 -13.33 4.01 18.36
CA GLN A 19 -14.42 3.51 19.22
C GLN A 19 -15.32 2.54 18.46
N ASN A 20 -14.70 1.73 17.59
CA ASN A 20 -15.34 0.57 16.96
C ASN A 20 -16.52 0.94 16.06
N ARG A 21 -16.50 2.14 15.49
CA ARG A 21 -17.55 2.58 14.58
C ARG A 21 -17.01 2.53 13.15
N THR A 22 -17.40 1.48 12.42
CA THR A 22 -16.99 1.33 11.03
C THR A 22 -17.72 2.36 10.16
N PRO A 23 -17.12 2.78 9.06
CA PRO A 23 -17.79 3.76 8.19
C PRO A 23 -19.06 3.17 7.58
N CYS A 24 -20.11 3.95 7.62
CA CYS A 24 -21.41 3.60 7.05
C CYS A 24 -21.60 4.19 5.65
N ALA A 25 -22.53 3.59 4.91
CA ALA A 25 -22.72 3.93 3.51
C ALA A 25 -23.00 5.42 3.34
N GLY A 26 -22.15 6.09 2.58
CA GLY A 26 -22.34 7.50 2.29
C GLY A 26 -21.79 8.45 3.32
N GLY A 27 -20.97 7.98 4.26
CA GLY A 27 -20.47 8.81 5.33
C GLY A 27 -19.04 9.27 5.09
N ALA A 28 -18.54 10.05 6.05
CA ALA A 28 -17.20 10.60 5.98
C ALA A 28 -16.20 9.68 6.66
N VAL A 29 -14.98 9.66 6.11
CA VAL A 29 -13.90 8.82 6.60
C VAL A 29 -12.67 9.70 6.80
N GLU A 30 -11.91 9.44 7.85
CA GLU A 30 -10.69 10.19 8.12
C GLU A 30 -9.62 9.24 8.62
N PHE A 31 -8.47 9.22 7.93
CA PHE A 31 -7.25 8.62 8.46
C PHE A 31 -6.39 9.73 9.02
N PRO A 32 -5.90 9.60 10.25
CA PRO A 32 -5.03 10.65 10.82
C PRO A 32 -3.87 10.98 9.89
N ALA A 33 -3.64 12.28 9.72
CA ALA A 33 -2.77 12.75 8.64
C ALA A 33 -1.34 12.24 8.79
N ASP A 34 -0.78 12.33 10.00
CA ASP A 34 0.62 12.03 10.23
C ASP A 34 0.88 10.54 10.48
N LYS A 35 -0.15 9.72 10.53
CA LYS A 35 0.02 8.29 10.78
C LYS A 35 0.35 7.57 9.48
N MET A 36 1.51 6.92 9.43
CA MET A 36 1.93 6.15 8.27
C MET A 36 1.39 4.74 8.39
N VAL A 37 0.60 4.31 7.41
CA VAL A 37 -0.12 3.04 7.51
C VAL A 37 -0.46 2.55 6.12
N SER A 38 -0.48 1.22 5.96
CA SER A 38 -0.97 0.55 4.75
C SER A 38 -2.28 -0.13 5.12
N VAL A 39 -3.34 0.18 4.38
CA VAL A 39 -4.69 -0.30 4.68
C VAL A 39 -5.18 -1.14 3.52
N LEU A 40 -5.61 -2.36 3.82
CA LEU A 40 -6.16 -3.25 2.81
C LEU A 40 -7.66 -3.06 2.72
N VAL A 41 -8.16 -2.85 1.51
CA VAL A 41 -9.59 -2.69 1.24
C VAL A 41 -10.06 -3.90 0.44
N GLN A 42 -11.20 -4.47 0.85
CA GLN A 42 -11.73 -5.66 0.21
C GLN A 42 -13.19 -5.56 -0.20
N GLU A 43 -13.90 -4.51 0.23
CA GLU A 43 -15.32 -4.37 -0.03
C GLU A 43 -15.59 -3.01 -0.64
N GLY A 44 -16.80 -2.84 -1.16
CA GLY A 44 -17.22 -1.56 -1.71
C GLY A 44 -17.73 -0.63 -0.62
N HIS A 45 -17.46 0.66 -0.82
CA HIS A 45 -17.81 1.68 0.16
C HIS A 45 -18.29 2.94 -0.55
N ALA A 46 -19.51 3.37 -0.25
CA ALA A 46 -20.00 4.66 -0.71
C ALA A 46 -19.53 5.72 0.28
N VAL A 47 -18.81 6.72 -0.21
CA VAL A 47 -18.14 7.69 0.64
C VAL A 47 -18.49 9.10 0.16
N SER A 48 -18.86 9.96 1.10
CA SER A 48 -19.06 11.37 0.80
C SER A 48 -17.78 12.18 0.91
N ASP A 49 -16.88 11.79 1.81
CA ASP A 49 -15.60 12.48 1.97
C ASP A 49 -14.66 11.54 2.70
N MET A 50 -13.41 11.47 2.22
CA MET A 50 -12.40 10.62 2.84
C MET A 50 -11.06 11.32 2.76
N LEU A 51 -10.43 11.52 3.92
CA LEU A 51 -9.12 12.14 4.01
C LEU A 51 -8.06 11.05 4.09
N LEU A 52 -7.09 11.06 3.18
CA LEU A 52 -6.13 9.98 3.14
C LEU A 52 -4.92 10.34 4.00
N PRO A 53 -4.09 9.38 4.37
CA PRO A 53 -2.86 9.71 5.10
C PRO A 53 -1.91 10.48 4.20
N LEU A 54 -1.09 11.33 4.83
CA LEU A 54 -0.06 12.04 4.09
C LEU A 54 0.98 11.06 3.53
N ASP A 55 1.27 9.99 4.26
CA ASP A 55 2.20 8.96 3.81
C ASP A 55 1.56 7.61 4.12
N GLY A 56 1.14 6.90 3.08
CA GLY A 56 0.50 5.62 3.28
C GLY A 56 0.05 5.04 1.96
N GLU A 57 -0.89 4.10 2.05
CA GLU A 57 -1.44 3.47 0.85
C GLU A 57 -2.72 2.75 1.21
N LEU A 58 -3.73 2.85 0.35
CA LEU A 58 -4.89 1.97 0.41
C LEU A 58 -4.72 0.91 -0.66
N VAL A 59 -4.57 -0.34 -0.25
CA VAL A 59 -4.46 -1.46 -1.18
C VAL A 59 -5.86 -1.93 -1.55
N LEU A 60 -6.11 -2.04 -2.84
CA LEU A 60 -7.43 -2.39 -3.36
C LEU A 60 -7.38 -3.84 -3.84
N ALA A 61 -7.77 -4.76 -2.96
CA ALA A 61 -7.83 -6.18 -3.27
C ALA A 61 -9.03 -6.49 -4.17
N SER A 62 -9.24 -7.77 -4.48
CA SER A 62 -10.41 -8.14 -5.26
C SER A 62 -11.69 -7.92 -4.44
N GLY A 63 -12.62 -7.16 -5.01
CA GLY A 63 -13.82 -6.76 -4.30
C GLY A 63 -13.81 -5.33 -3.80
N ALA A 64 -12.65 -4.69 -3.74
CA ALA A 64 -12.55 -3.35 -3.19
C ALA A 64 -13.12 -2.31 -4.15
N GLY A 65 -13.75 -1.28 -3.58
CA GLY A 65 -14.32 -0.23 -4.39
C GLY A 65 -14.75 0.98 -3.58
N PHE A 66 -14.65 2.16 -4.19
CA PHE A 66 -15.09 3.41 -3.55
C PHE A 66 -15.99 4.15 -4.52
N GLY A 67 -17.23 4.40 -4.10
CA GLY A 67 -18.20 5.09 -4.90
C GLY A 67 -18.70 6.36 -4.23
N VAL A 68 -19.52 7.10 -4.98
CA VAL A 68 -20.06 8.35 -4.46
C VAL A 68 -21.20 8.08 -3.48
N SER A 69 -21.46 9.06 -2.62
CA SER A 69 -22.56 8.97 -1.66
C SER A 69 -23.85 9.46 -2.30
N ASP A 70 -24.83 8.55 -2.42
CA ASP A 70 -26.18 8.90 -2.84
C ASP A 70 -26.99 9.27 -1.60
N VAL A 71 -28.33 9.28 -1.69
CA VAL A 71 -29.17 9.65 -0.56
C VAL A 71 -30.14 8.53 -0.13
N GLY A 72 -30.37 7.50 -0.95
CA GLY A 72 -31.40 6.52 -0.67
C GLY A 72 -31.21 5.69 0.59
N SER A 73 -30.25 4.77 0.57
CA SER A 73 -29.85 4.04 1.77
C SER A 73 -28.69 4.69 2.50
N HIS A 74 -28.47 5.99 2.27
CA HIS A 74 -27.42 6.76 2.92
C HIS A 74 -27.94 7.63 4.05
N LEU A 75 -29.25 7.89 4.09
CA LEU A 75 -29.84 8.81 5.07
C LEU A 75 -29.37 8.51 6.49
N ASP A 76 -29.21 7.23 6.82
CA ASP A 76 -28.77 6.85 8.17
C ASP A 76 -27.43 7.49 8.51
N CYS A 77 -26.44 7.27 7.64
CA CYS A 77 -25.08 7.71 7.91
C CYS A 77 -25.00 9.23 7.84
N GLY A 78 -25.75 9.83 6.92
CA GLY A 78 -26.05 11.26 6.88
C GLY A 78 -24.91 12.22 7.14
N ALA A 79 -25.03 12.98 8.23
CA ALA A 79 -24.01 13.93 8.66
C ALA A 79 -23.52 13.60 10.07
N GLY A 80 -23.49 12.31 10.40
CA GLY A 80 -23.16 11.86 11.73
C GLY A 80 -21.69 11.60 12.02
N GLU A 81 -20.90 12.66 12.16
CA GLU A 81 -19.62 12.63 12.87
C GLU A 81 -18.60 11.61 12.36
N PRO A 82 -17.77 11.98 11.36
CA PRO A 82 -16.91 11.02 10.64
C PRO A 82 -16.24 9.89 11.40
N ALA A 83 -16.15 8.73 10.75
CA ALA A 83 -15.40 7.60 11.27
C ALA A 83 -13.90 7.86 11.13
N VAL A 84 -13.19 7.73 12.24
CA VAL A 84 -11.76 8.00 12.31
C VAL A 84 -11.02 6.69 12.53
N PHE A 85 -9.91 6.53 11.81
CA PHE A 85 -9.11 5.32 11.94
C PHE A 85 -8.32 5.35 13.22
N ARG A 86 -8.37 4.25 13.99
CA ARG A 86 -7.63 4.18 15.25
CA ARG A 86 -7.63 4.18 15.25
C ARG A 86 -6.14 4.32 14.99
N ASP A 87 -5.42 4.76 16.03
CA ASP A 87 -3.97 4.87 16.00
C ASP A 87 -3.33 3.57 15.52
N SER A 88 -2.74 3.59 14.34
CA SER A 88 -2.12 2.42 13.74
C SER A 88 -0.70 2.17 14.24
N ASP A 89 -0.23 2.96 15.19
CA ASP A 89 1.03 2.73 15.88
C ASP A 89 0.86 2.01 17.21
N ARG A 90 -0.36 1.57 17.52
CA ARG A 90 -0.69 1.05 18.84
C ARG A 90 -0.32 -0.42 19.03
N PHE A 91 0.16 -1.10 18.00
CA PHE A 91 0.46 -2.52 18.08
C PHE A 91 1.94 -2.70 18.39
N SER A 92 2.22 -3.39 19.50
CA SER A 92 3.57 -3.62 19.97
C SER A 92 4.01 -5.05 19.69
N TRP A 93 5.25 -5.20 19.24
CA TRP A 93 5.81 -6.53 19.01
C TRP A 93 5.85 -7.34 20.30
N HIS A 94 6.06 -6.68 21.44
CA HIS A 94 6.21 -7.36 22.72
C HIS A 94 4.88 -7.57 23.44
N ASP A 95 3.76 -7.47 22.73
CA ASP A 95 2.45 -7.69 23.32
C ASP A 95 2.10 -9.18 23.18
N PRO A 96 1.96 -9.91 24.27
CA PRO A 96 1.70 -11.36 24.13
C PRO A 96 0.38 -11.70 23.44
N HIS A 97 -0.66 -10.88 23.62
CA HIS A 97 -1.96 -11.23 23.06
C HIS A 97 -2.10 -10.86 21.58
N LEU A 98 -1.08 -10.26 20.98
CA LEU A 98 -1.08 -9.99 19.55
C LEU A 98 -0.44 -11.11 18.73
N TRP A 99 0.01 -12.18 19.38
CA TRP A 99 0.68 -13.27 18.71
C TRP A 99 -0.08 -14.57 18.94
N ARG A 100 -0.11 -15.42 17.92
CA ARG A 100 -0.69 -16.75 17.98
C ARG A 100 0.38 -17.76 17.62
N SER A 101 0.46 -18.83 18.41
CA SER A 101 1.46 -19.87 18.21
C SER A 101 0.88 -21.00 17.36
N GLY A 102 1.72 -21.56 16.49
CA GLY A 102 1.33 -22.74 15.74
C GLY A 102 1.37 -24.04 16.52
N ASP A 103 1.96 -24.06 17.75
CA ASP A 103 1.94 -25.24 18.62
C ASP A 103 0.76 -25.33 19.57
N GLU A 104 -0.23 -24.45 19.44
CA GLU A 104 -1.33 -24.46 20.40
C GLU A 104 -2.14 -25.75 20.27
N ALA A 105 -2.49 -26.34 21.41
CA ALA A 105 -3.18 -27.62 21.47
C ALA A 105 -4.08 -27.61 22.68
N PRO A 106 -5.08 -28.50 22.73
CA PRO A 106 -5.95 -28.56 23.91
C PRO A 106 -5.15 -28.87 25.17
N GLY A 107 -5.49 -28.16 26.26
CA GLY A 107 -4.83 -28.35 27.53
C GLY A 107 -3.44 -27.76 27.63
N LEU A 108 -2.95 -27.12 26.58
CA LEU A 108 -1.60 -26.55 26.56
C LEU A 108 -1.68 -25.03 26.53
N PHE A 109 -0.85 -24.39 27.34
CA PHE A 109 -0.70 -22.94 27.30
C PHE A 109 0.79 -22.61 27.42
N PHE A 110 1.11 -21.32 27.32
CA PHE A 110 2.49 -20.86 27.33
C PHE A 110 2.61 -19.67 28.27
N VAL A 111 3.75 -19.59 28.96
CA VAL A 111 3.98 -18.43 29.81
C VAL A 111 4.08 -17.16 28.97
N ASP A 112 3.90 -16.01 29.63
CA ASP A 112 3.75 -14.75 28.91
C ASP A 112 5.00 -14.44 28.08
N ALA A 113 6.19 -14.65 28.64
CA ALA A 113 7.41 -14.34 27.91
C ALA A 113 7.63 -15.24 26.71
N GLU A 114 6.90 -16.35 26.61
CA GLU A 114 7.01 -17.26 25.48
C GLU A 114 5.86 -17.14 24.50
N ARG A 115 4.93 -16.20 24.74
CA ARG A 115 3.84 -15.96 23.80
C ARG A 115 4.26 -15.03 22.67
N VAL A 116 5.20 -14.12 22.91
CA VAL A 116 5.80 -13.31 21.87
C VAL A 116 6.80 -14.19 21.14
N PRO A 117 7.27 -13.83 19.94
CA PRO A 117 8.21 -14.72 19.23
C PRO A 117 9.49 -14.95 20.03
N CYS A 118 9.99 -16.17 19.96
CA CYS A 118 11.23 -16.56 20.62
C CYS A 118 12.38 -16.57 19.62
N ARG A 119 13.58 -16.89 20.13
CA ARG A 119 14.79 -16.80 19.32
C ARG A 119 14.74 -17.73 18.11
N HIS A 120 14.26 -18.96 18.30
CA HIS A 120 14.23 -19.95 17.24
C HIS A 120 12.86 -20.06 16.56
N ASP A 121 12.05 -19.00 16.62
CA ASP A 121 10.72 -19.03 16.06
C ASP A 121 10.69 -18.45 14.65
N ASP A 122 9.76 -18.95 13.84
CA ASP A 122 9.48 -18.40 12.52
C ASP A 122 8.27 -17.48 12.64
N VAL A 123 8.45 -16.22 12.27
CA VAL A 123 7.42 -15.19 12.39
C VAL A 123 6.70 -15.06 11.06
N PHE A 124 5.37 -15.01 11.11
CA PHE A 124 4.54 -14.88 9.92
C PHE A 124 3.59 -13.72 10.09
N PHE A 125 3.61 -12.79 9.14
CA PHE A 125 2.59 -11.76 9.03
C PHE A 125 1.67 -12.14 7.88
N PRO A 126 0.42 -12.48 8.12
CA PRO A 126 -0.43 -13.06 7.06
C PRO A 126 -0.64 -12.07 5.92
N PRO A 127 -0.35 -12.48 4.69
CA PRO A 127 -0.59 -11.58 3.54
C PRO A 127 -2.06 -11.28 3.31
N SER A 128 -2.97 -12.10 3.85
CA SER A 128 -4.40 -11.85 3.69
C SER A 128 -4.87 -10.57 4.36
N ALA A 129 -4.01 -9.93 5.14
CA ALA A 129 -4.37 -8.69 5.82
C ALA A 129 -3.16 -7.78 5.87
N SER A 130 -3.41 -6.47 5.81
CA SER A 130 -2.38 -5.48 6.01
C SER A 130 -2.09 -5.36 7.51
N PHE A 131 -0.87 -4.94 7.83
CA PHE A 131 -0.47 -4.90 9.23
C PHE A 131 0.48 -3.75 9.48
N ARG A 132 0.67 -3.44 10.76
CA ARG A 132 1.69 -2.50 11.22
C ARG A 132 2.06 -2.88 12.64
N VAL A 133 3.36 -2.98 12.90
CA VAL A 133 3.86 -3.45 14.18
C VAL A 133 4.99 -2.52 14.64
N GLY A 134 5.01 -2.22 15.92
CA GLY A 134 6.02 -1.36 16.50
C GLY A 134 6.96 -2.15 17.41
N LEU A 135 8.26 -1.86 17.29
CA LEU A 135 9.28 -2.44 18.16
C LEU A 135 9.60 -1.41 19.24
N GLY A 136 9.14 -1.69 20.45
CA GLY A 136 9.10 -0.72 21.53
C GLY A 136 10.43 -0.16 21.95
N PRO A 137 10.38 0.93 22.74
CA PRO A 137 11.60 1.59 23.19
C PRO A 137 12.47 0.62 23.98
N GLY A 138 13.76 0.91 24.03
CA GLY A 138 14.70 -0.07 24.57
C GLY A 138 14.57 -1.36 23.78
N ALA A 139 13.98 -2.38 24.40
CA ALA A 139 13.56 -3.59 23.71
C ALA A 139 14.67 -4.15 22.83
N SER A 140 15.70 -4.65 23.52
CA SER A 140 16.97 -5.10 22.98
C SER A 140 16.73 -5.89 21.71
N PRO A 141 17.64 -5.83 20.73
CA PRO A 141 17.28 -6.25 19.37
C PRO A 141 16.60 -7.61 19.29
N VAL A 142 15.33 -7.59 18.91
CA VAL A 142 14.60 -8.83 18.66
C VAL A 142 15.35 -9.64 17.60
N ARG A 143 15.59 -10.91 17.90
CA ARG A 143 16.23 -11.80 16.94
C ARG A 143 15.43 -13.09 16.89
N VAL A 144 14.89 -13.40 15.71
CA VAL A 144 14.09 -14.60 15.50
C VAL A 144 14.74 -15.40 14.38
N ARG A 145 14.16 -16.55 14.02
CA ARG A 145 14.80 -17.34 12.98
C ARG A 145 14.46 -16.83 11.59
N SER A 146 13.19 -16.44 11.35
CA SER A 146 12.83 -15.90 10.06
C SER A 146 11.57 -15.05 10.22
N ILE A 147 11.36 -14.16 9.26
CA ILE A 147 10.18 -13.29 9.23
C ILE A 147 9.57 -13.39 7.84
N SER A 148 8.30 -13.76 7.77
CA SER A 148 7.59 -13.88 6.51
C SER A 148 6.57 -12.75 6.41
N ALA A 149 6.63 -12.00 5.31
CA ALA A 149 5.72 -10.89 5.08
C ALA A 149 5.71 -10.56 3.60
N LEU A 150 4.52 -10.16 3.12
CA LEU A 150 4.32 -9.77 1.72
C LEU A 150 4.69 -10.88 0.74
N GLY A 151 4.58 -12.13 1.16
CA GLY A 151 4.92 -13.25 0.29
C GLY A 151 6.39 -13.62 0.28
N ARG A 152 7.23 -12.93 1.02
CA ARG A 152 8.65 -13.23 1.10
C ARG A 152 9.00 -13.77 2.48
N THR A 153 10.09 -14.53 2.54
CA THR A 153 10.59 -15.09 3.80
C THR A 153 12.04 -14.65 3.96
N PHE A 154 12.29 -13.81 4.95
CA PHE A 154 13.62 -13.27 5.19
C PHE A 154 14.37 -14.15 6.17
N THR A 155 15.49 -14.72 5.73
CA THR A 155 16.35 -15.50 6.59
C THR A 155 17.73 -14.88 6.78
N ARG A 156 18.06 -13.82 6.06
CA ARG A 156 19.35 -13.15 6.15
C ARG A 156 19.13 -11.70 6.57
N ASP A 157 19.95 -11.24 7.52
CA ASP A 157 19.84 -9.86 7.98
C ASP A 157 20.03 -8.86 6.86
N GLU A 158 20.85 -9.21 5.86
CA GLU A 158 21.10 -8.29 4.75
C GLU A 158 19.82 -8.03 3.96
N ASP A 159 19.05 -9.09 3.69
CA ASP A 159 17.77 -8.91 2.99
C ASP A 159 16.76 -8.19 3.86
N LEU A 160 16.75 -8.49 5.16
CA LEU A 160 15.76 -7.89 6.05
C LEU A 160 16.00 -6.40 6.21
N ALA A 161 17.26 -6.00 6.40
CA ALA A 161 17.57 -4.58 6.57
C ALA A 161 17.20 -3.78 5.33
N VAL A 162 17.36 -4.37 4.15
CA VAL A 162 16.95 -3.70 2.91
C VAL A 162 15.45 -3.45 2.92
N PHE A 163 14.67 -4.48 3.28
CA PHE A 163 13.22 -4.37 3.26
C PHE A 163 12.73 -3.42 4.34
N LEU A 164 13.27 -3.51 5.55
CA LEU A 164 12.82 -2.65 6.65
C LEU A 164 13.07 -1.18 6.35
N ALA A 165 14.13 -0.87 5.61
CA ALA A 165 14.41 0.52 5.27
C ALA A 165 13.56 1.01 4.11
N SER A 166 13.12 0.11 3.24
CA SER A 166 12.30 0.49 2.09
C SER A 166 10.97 1.06 2.56
N ARG A 167 10.25 1.69 1.63
CA ARG A 167 8.98 2.31 1.97
C ARG A 167 7.95 1.27 2.37
N ALA A 168 7.97 0.10 1.74
CA ALA A 168 7.05 -0.96 2.11
C ALA A 168 7.29 -1.42 3.55
N GLY A 169 8.55 -1.49 3.97
CA GLY A 169 8.84 -1.88 5.34
C GLY A 169 8.52 -0.79 6.34
N ARG A 170 8.78 0.46 5.98
CA ARG A 170 8.48 1.57 6.89
C ARG A 170 6.99 1.85 7.01
N LEU A 171 6.19 1.40 6.05
CA LEU A 171 4.74 1.45 6.22
C LEU A 171 4.25 0.46 7.26
N ARG A 172 5.06 -0.57 7.57
CA ARG A 172 4.60 -1.69 8.38
C ARG A 172 5.42 -1.92 9.64
N PHE A 173 6.65 -1.41 9.73
CA PHE A 173 7.50 -1.60 10.89
C PHE A 173 7.99 -0.24 11.36
N HIS A 174 7.79 0.05 12.64
CA HIS A 174 8.23 1.31 13.24
C HIS A 174 8.77 1.05 14.63
N GLY A 175 9.34 2.09 15.24
CA GLY A 175 9.87 2.01 16.58
C GLY A 175 11.38 2.01 16.58
N PRO A 176 11.97 2.32 17.74
CA PRO A 176 13.44 2.36 17.84
C PRO A 176 14.10 0.99 17.99
N GLY A 177 13.33 -0.06 18.28
CA GLY A 177 13.92 -1.37 18.45
C GLY A 177 14.48 -1.92 17.16
N ALA A 178 15.51 -2.75 17.31
CA ALA A 178 16.19 -3.38 16.18
C ALA A 178 15.59 -4.77 15.96
N LEU A 179 15.45 -5.15 14.69
CA LEU A 179 14.88 -6.44 14.32
C LEU A 179 15.91 -7.20 13.48
N SER A 180 16.11 -8.48 13.78
CA SER A 180 17.11 -9.26 13.07
C SER A 180 16.65 -10.71 12.97
N VAL A 181 17.30 -11.44 12.06
CA VAL A 181 17.02 -12.84 11.79
C VAL A 181 18.33 -13.62 11.76
N GLY A 182 18.27 -14.87 12.21
CA GLY A 182 19.39 -15.79 12.15
C GLY A 182 18.89 -17.21 12.01
N PRO A 183 19.34 -17.90 10.97
CA PRO A 183 18.71 -19.16 10.57
C PRO A 183 19.04 -20.36 11.45
N GLU A 184 19.73 -20.17 12.57
CA GLU A 184 20.10 -21.28 13.43
C GLU A 184 18.87 -22.04 13.92
N ASP A 185 19.04 -23.35 14.11
CA ASP A 185 18.03 -24.18 14.73
C ASP A 185 18.48 -24.53 16.15
N CYS A 186 17.51 -24.88 16.99
CA CYS A 186 17.81 -25.28 18.36
C CYS A 186 18.67 -26.55 18.41
N ALA A 187 18.15 -27.64 17.85
CA ALA A 187 18.83 -28.92 17.72
C ALA A 187 19.11 -29.60 19.05
N ASP A 188 18.77 -28.99 20.18
CA ASP A 188 18.88 -29.65 21.48
C ASP A 188 17.55 -30.32 21.81
N PRO A 189 17.53 -31.65 21.98
CA PRO A 189 16.26 -32.33 22.29
C PRO A 189 15.63 -31.89 23.60
N SER A 190 16.44 -31.47 24.57
CA SER A 190 15.91 -30.99 25.84
C SER A 190 15.30 -29.60 25.73
N GLY A 191 15.40 -28.96 24.58
CA GLY A 191 14.78 -27.67 24.34
C GLY A 191 15.79 -26.54 24.31
N CYS A 192 15.27 -25.33 24.13
CA CYS A 192 16.05 -24.11 24.15
C CYS A 192 15.25 -23.03 24.87
N VAL A 193 15.96 -22.17 25.60
CA VAL A 193 15.29 -21.07 26.27
C VAL A 193 14.73 -20.11 25.22
N CYS A 194 13.60 -19.47 25.55
CA CYS A 194 12.97 -18.55 24.61
C CYS A 194 13.87 -17.36 24.31
N GLY A 195 14.66 -16.92 25.28
CA GLY A 195 15.56 -15.80 25.09
C GLY A 195 14.95 -14.44 25.33
N ASN A 196 13.74 -14.37 25.88
CA ASN A 196 13.07 -13.11 26.15
C ASN A 196 13.13 -12.71 27.62
N ALA A 197 14.10 -13.24 28.36
CA ALA A 197 14.21 -12.90 29.78
C ALA A 197 14.60 -11.44 29.96
N GLU A 198 15.53 -10.93 29.14
CA GLU A 198 15.93 -9.54 29.26
C GLU A 198 14.84 -8.58 28.79
N ALA A 199 13.97 -9.04 27.90
CA ALA A 199 12.88 -8.23 27.38
C ALA A 199 11.59 -8.41 28.17
N GLN A 200 11.60 -9.24 29.21
CA GLN A 200 10.37 -9.48 29.97
C GLN A 200 9.76 -8.23 30.60
N PRO A 201 10.53 -7.28 31.15
CA PRO A 201 9.89 -6.05 31.62
C PRO A 201 9.10 -5.31 30.55
N TRP A 202 9.60 -5.30 29.31
CA TRP A 202 8.85 -4.69 28.22
C TRP A 202 7.69 -5.55 27.75
N ILE A 203 7.84 -6.87 27.82
CA ILE A 203 6.73 -7.76 27.48
C ILE A 203 5.59 -7.59 28.46
N CYS A 204 5.91 -7.50 29.75
CA CYS A 204 4.88 -7.33 30.77
C CYS A 204 4.28 -5.93 30.73
N ALA A 205 5.09 -4.91 30.40
CA ALA A 205 4.55 -3.56 30.28
C ALA A 205 3.54 -3.48 29.15
N ALA A 206 3.78 -4.21 28.05
CA ALA A 206 2.84 -4.21 26.94
C ALA A 206 1.58 -5.01 27.29
N LEU A 207 1.75 -6.12 28.00
CA LEU A 207 0.59 -6.95 28.36
C LEU A 207 -0.31 -6.23 29.35
N LEU A 208 0.28 -5.53 30.32
CA LEU A 208 -0.47 -4.88 31.39
C LEU A 208 -0.85 -3.45 31.07
N GLN A 209 -0.68 -3.02 29.84
CA GLN A 209 -0.95 -1.64 29.47
C GLN A 209 -2.44 -1.29 29.58
N PRO A 210 -3.38 -2.17 29.23
CA PRO A 210 -4.79 -1.88 29.50
C PRO A 210 -5.14 -1.78 30.98
N LEU A 211 -4.28 -2.26 31.87
CA LEU A 211 -4.54 -2.24 33.31
C LEU A 211 -3.65 -1.25 34.06
N GLY A 212 -3.10 -0.26 33.36
CA GLY A 212 -2.24 0.71 34.01
C GLY A 212 -0.87 0.18 34.38
N GLY A 213 -0.51 -1.02 33.94
CA GLY A 213 0.80 -1.56 34.21
C GLY A 213 0.97 -2.28 35.53
N ARG A 214 -0.12 -2.50 36.26
CA ARG A 214 -0.07 -3.20 37.54
C ARG A 214 -0.72 -4.57 37.41
N CYS A 215 -0.04 -5.59 37.93
CA CYS A 215 -0.60 -6.95 37.92
C CYS A 215 -1.83 -7.05 38.79
N PRO A 216 -2.91 -7.65 38.29
CA PRO A 216 -4.00 -8.02 39.20
C PRO A 216 -3.58 -9.18 40.08
N GLN A 217 -4.08 -9.17 41.32
CA GLN A 217 -3.70 -10.17 42.30
C GLN A 217 -4.41 -11.49 42.02
N ALA A 218 -3.70 -12.59 42.24
CA ALA A 218 -4.27 -13.91 42.07
C ALA A 218 -5.21 -14.23 43.23
N ALA A 219 -6.17 -15.11 42.97
CA ALA A 219 -7.20 -15.44 43.95
C ALA A 219 -6.76 -16.63 44.82
N CYS A 220 -5.60 -16.47 45.44
CA CYS A 220 -5.06 -17.49 46.33
C CYS A 220 -3.92 -16.89 47.15
N HIS A 221 -3.72 -17.43 48.34
CA HIS A 221 -2.56 -17.05 49.15
C HIS A 221 -1.32 -17.77 48.64
N SER A 222 -0.16 -17.16 48.89
CA SER A 222 1.13 -17.71 48.47
C SER A 222 1.13 -18.05 46.99
N ALA A 223 0.66 -17.10 46.18
CA ALA A 223 0.56 -17.31 44.75
C ALA A 223 1.95 -17.44 44.12
N LEU A 224 2.02 -18.23 43.06
CA LEU A 224 3.26 -18.51 42.36
C LEU A 224 3.43 -17.58 41.16
N ARG A 225 4.69 -17.27 40.83
CA ARG A 225 5.03 -16.53 39.62
C ARG A 225 6.10 -17.32 38.88
N PRO A 226 5.71 -18.17 37.92
CA PRO A 226 6.68 -18.99 37.21
C PRO A 226 7.63 -18.13 36.38
N GLN A 227 8.72 -18.75 35.95
CA GLN A 227 9.67 -18.08 35.06
C GLN A 227 9.00 -17.72 33.75
N GLY A 228 9.09 -16.45 33.37
CA GLY A 228 8.47 -15.97 32.16
C GLY A 228 7.05 -15.47 32.30
N GLN A 229 6.45 -15.61 33.48
CA GLN A 229 5.09 -15.15 33.72
C GLN A 229 5.12 -13.77 34.37
N CYS A 230 4.21 -12.90 33.95
CA CYS A 230 4.23 -11.52 34.43
C CYS A 230 3.57 -11.37 35.79
N CYS A 231 2.44 -12.03 36.00
CA CYS A 231 1.64 -11.86 37.21
C CYS A 231 1.50 -13.19 37.95
N ASP A 232 1.10 -13.09 39.21
CA ASP A 232 0.92 -14.29 40.02
C ASP A 232 -0.24 -15.11 39.50
N LEU A 233 -0.14 -16.43 39.70
CA LEU A 233 -1.21 -17.35 39.35
C LEU A 233 -1.38 -18.39 40.45
N CYS A 234 -2.47 -19.14 40.37
CA CYS A 234 -2.79 -20.18 41.32
C CYS A 234 -2.62 -21.54 40.66
N GLY A 235 -1.92 -22.46 41.32
CA GLY A 235 -1.64 -23.76 40.75
C GLY A 235 -0.40 -24.43 41.27
N ALA A 236 0.40 -25.05 40.40
CA ALA A 236 1.63 -25.69 40.83
C ALA A 236 2.70 -25.55 39.74
N VAL A 237 3.95 -25.60 40.18
CA VAL A 237 5.11 -25.53 39.29
C VAL A 237 6.03 -26.71 39.59
N VAL A 238 6.30 -27.53 38.58
CA VAL A 238 7.22 -28.65 38.68
C VAL A 238 8.49 -28.28 37.92
N LEU A 239 9.63 -28.41 38.59
CA LEU A 239 10.93 -28.13 38.00
C LEU A 239 11.69 -29.43 37.83
N LEU A 240 12.05 -29.75 36.59
CA LEU A 240 12.77 -30.97 36.26
C LEU A 240 14.23 -30.64 35.96
N THR A 241 15.13 -31.42 36.53
CA THR A 241 16.55 -31.36 36.19
C THR A 241 16.78 -32.35 35.05
N HIS A 242 16.93 -31.83 33.83
CA HIS A 242 16.98 -32.67 32.65
C HIS A 242 18.35 -33.28 32.46
N GLY A 243 18.38 -34.56 32.13
CA GLY A 243 19.60 -35.23 31.74
C GLY A 243 19.80 -35.12 30.25
N PRO A 244 20.93 -35.64 29.75
CA PRO A 244 21.23 -35.52 28.32
C PRO A 244 20.28 -36.29 27.42
N ALA A 245 19.40 -37.13 27.98
CA ALA A 245 18.46 -37.89 27.18
C ALA A 245 17.07 -37.27 27.13
N PHE A 246 16.85 -36.16 27.82
CA PHE A 246 15.52 -35.59 27.92
C PHE A 246 15.03 -35.09 26.57
N ASP A 247 13.85 -35.54 26.18
CA ASP A 247 13.20 -35.15 24.93
C ASP A 247 12.03 -34.25 25.32
N LEU A 248 12.24 -32.94 25.20
CA LEU A 248 11.25 -31.97 25.68
C LEU A 248 9.94 -32.08 24.91
N GLU A 249 10.02 -32.29 23.59
CA GLU A 249 8.80 -32.40 22.81
C GLU A 249 8.03 -33.66 23.16
N ARG A 250 8.73 -34.78 23.33
CA ARG A 250 8.06 -36.02 23.72
C ARG A 250 7.47 -35.92 25.12
N TYR A 251 8.19 -35.30 26.05
CA TYR A 251 7.70 -35.19 27.42
C TYR A 251 6.48 -34.29 27.50
N ARG A 252 6.44 -33.22 26.70
CA ARG A 252 5.26 -32.37 26.68
C ARG A 252 4.06 -33.12 26.12
N ALA A 253 4.27 -33.93 25.09
CA ALA A 253 3.18 -34.76 24.57
C ALA A 253 2.77 -35.83 25.59
N ARG A 254 3.69 -36.24 26.46
CA ARG A 254 3.36 -37.21 27.49
C ARG A 254 2.34 -36.62 28.47
N ILE A 255 2.54 -35.38 28.89
CA ILE A 255 1.59 -34.74 29.80
C ILE A 255 0.24 -34.52 29.12
N LEU A 256 0.26 -34.11 27.85
CA LEU A 256 -0.98 -33.77 27.16
C LEU A 256 -1.80 -35.01 26.84
N ASP A 257 -1.14 -36.10 26.46
CA ASP A 257 -1.83 -37.29 25.98
C ASP A 257 -2.06 -38.34 27.05
N THR A 258 -1.12 -38.52 27.98
CA THR A 258 -1.25 -39.55 29.00
C THR A 258 -2.00 -39.05 30.23
N PHE A 259 -1.66 -37.85 30.71
CA PHE A 259 -2.22 -37.36 31.98
C PHE A 259 -3.48 -36.53 31.81
N LEU A 260 -3.45 -35.52 30.92
CA LEU A 260 -4.61 -34.65 30.77
C LEU A 260 -5.82 -35.38 30.21
N GLY A 261 -5.63 -36.52 29.56
CA GLY A 261 -6.73 -37.33 29.10
C GLY A 261 -7.41 -38.14 30.18
N LEU A 262 -6.88 -38.12 31.41
CA LEU A 262 -7.49 -38.86 32.51
C LEU A 262 -8.64 -38.07 33.12
N PRO A 263 -9.65 -38.75 33.65
CA PRO A 263 -10.81 -38.03 34.20
C PRO A 263 -10.49 -37.18 35.42
N GLN A 264 -9.61 -37.64 36.30
CA GLN A 264 -9.28 -36.86 37.49
C GLN A 264 -8.45 -35.62 37.18
N TYR A 265 -7.97 -35.48 35.95
CA TYR A 265 -7.19 -34.31 35.53
C TYR A 265 -7.93 -33.50 34.46
N HIS A 266 -9.26 -33.56 34.47
CA HIS A 266 -10.05 -32.82 33.51
C HIS A 266 -10.07 -31.34 33.86
N GLY A 267 -9.96 -30.50 32.83
CA GLY A 267 -10.00 -29.06 33.04
C GLY A 267 -8.70 -28.43 33.48
N LEU A 268 -7.58 -29.13 33.35
CA LEU A 268 -6.28 -28.59 33.71
C LEU A 268 -5.51 -28.18 32.46
N GLN A 269 -4.68 -27.16 32.62
CA GLN A 269 -3.84 -26.65 31.54
C GLN A 269 -2.39 -26.64 32.00
N VAL A 270 -1.48 -27.01 31.09
CA VAL A 270 -0.07 -27.19 31.40
C VAL A 270 0.78 -26.33 30.47
N ALA A 271 1.94 -25.88 30.97
CA ALA A 271 2.91 -25.13 30.20
C ALA A 271 4.27 -25.76 30.44
N VAL A 272 4.93 -26.23 29.38
CA VAL A 272 6.18 -26.96 29.47
C VAL A 272 7.20 -26.27 28.59
N SER A 273 8.36 -25.92 29.15
CA SER A 273 9.42 -25.27 28.40
C SER A 273 10.68 -25.29 29.25
N LYS A 274 11.82 -25.12 28.58
CA LYS A 274 13.08 -24.95 29.28
C LYS A 274 13.27 -23.48 29.62
N VAL A 275 13.53 -23.20 30.89
CA VAL A 275 13.68 -21.82 31.37
C VAL A 275 15.02 -21.70 32.06
N PRO A 276 15.52 -20.48 32.23
CA PRO A 276 16.71 -20.30 33.06
C PRO A 276 16.45 -20.79 34.46
N ARG A 277 17.45 -21.44 35.05
CA ARG A 277 17.38 -22.01 36.39
C ARG A 277 17.29 -20.94 37.47
N SER A 278 17.18 -19.68 37.04
CA SER A 278 17.28 -18.56 37.96
C SER A 278 16.82 -17.30 37.25
N SER A 279 16.18 -16.41 38.01
CA SER A 279 16.06 -15.01 37.60
C SER A 279 17.35 -14.25 37.81
N ARG A 280 18.43 -14.93 38.24
CA ARG A 280 19.74 -14.32 38.46
C ARG A 280 20.10 -13.39 37.32
N LEU A 281 20.51 -12.17 37.68
CA LEU A 281 20.81 -11.13 36.71
C LEU A 281 22.01 -11.46 35.84
N ARG A 282 22.75 -12.52 36.16
CA ARG A 282 24.07 -12.77 35.57
C ARG A 282 24.16 -14.21 35.03
N GLU A 283 23.62 -14.42 33.82
CA GLU A 283 24.06 -15.51 32.93
C GLU A 283 23.83 -16.93 33.48
N ALA A 284 22.65 -17.17 34.05
CA ALA A 284 22.39 -18.39 34.81
C ALA A 284 22.12 -19.63 33.92
N ASP A 285 21.91 -20.78 34.58
CA ASP A 285 21.78 -22.11 33.98
C ASP A 285 20.30 -22.39 33.62
N THR A 286 19.97 -23.63 33.21
CA THR A 286 18.61 -23.94 32.73
C THR A 286 17.96 -25.12 33.46
N GLU A 287 16.62 -25.21 33.31
CA GLU A 287 15.75 -26.18 33.94
C GLU A 287 14.53 -26.35 33.06
N ILE A 288 13.78 -27.39 33.34
CA ILE A 288 12.52 -27.66 32.67
C ILE A 288 11.39 -27.27 33.61
N GLN A 289 10.62 -26.25 33.23
CA GLN A 289 9.55 -25.72 34.07
C GLN A 289 8.21 -26.21 33.55
N VAL A 290 7.48 -26.91 34.42
CA VAL A 290 6.12 -27.36 34.12
C VAL A 290 5.16 -26.56 35.00
N VAL A 291 4.31 -25.77 34.37
CA VAL A 291 3.34 -24.93 35.08
C VAL A 291 1.98 -25.58 34.94
N LEU A 292 1.32 -25.83 36.08
CA LEU A 292 0.03 -26.50 36.11
C LEU A 292 -1.01 -25.54 36.67
N VAL A 293 -2.08 -25.31 35.90
CA VAL A 293 -3.12 -24.36 36.25
C VAL A 293 -4.46 -25.07 36.11
N GLU A 294 -5.32 -24.92 37.11
CA GLU A 294 -6.66 -25.47 37.08
C GLU A 294 -7.65 -24.31 37.08
N ASN A 295 -8.33 -24.13 35.95
CA ASN A 295 -9.37 -23.11 35.83
C ASN A 295 -10.73 -23.72 36.15
N GLY A 296 -11.60 -22.91 36.75
CA GLY A 296 -12.83 -23.44 37.30
C GLY A 296 -12.74 -23.63 38.80
N PRO A 297 -13.85 -24.02 39.42
CA PRO A 297 -13.92 -24.11 40.89
C PRO A 297 -13.58 -25.51 41.42
N GLU A 298 -12.34 -25.94 41.22
CA GLU A 298 -12.01 -27.32 41.58
C GLU A 298 -11.04 -27.40 42.76
N THR A 299 -10.65 -28.63 43.06
CA THR A 299 -9.78 -28.99 44.18
C THR A 299 -8.34 -28.67 43.84
N GLY A 300 -7.40 -29.25 44.57
CA GLY A 300 -6.01 -29.16 44.17
C GLY A 300 -5.67 -30.12 43.03
N GLY A 301 -6.38 -30.01 41.91
CA GLY A 301 -6.01 -30.78 40.73
C GLY A 301 -4.60 -30.49 40.25
N ALA A 302 -4.17 -29.23 40.32
CA ALA A 302 -2.83 -28.84 39.92
C ALA A 302 -1.79 -29.50 40.82
N GLY A 303 -2.03 -29.50 42.14
CA GLY A 303 -1.11 -30.17 43.05
C GLY A 303 -1.15 -31.68 42.91
N ARG A 304 -2.33 -32.23 42.60
CA ARG A 304 -2.44 -33.68 42.42
C ARG A 304 -1.71 -34.12 41.15
N LEU A 305 -1.88 -33.37 40.05
CA LEU A 305 -1.15 -33.70 38.83
C LEU A 305 0.35 -33.47 39.03
N ALA A 306 0.73 -32.46 39.82
CA ALA A 306 2.14 -32.23 40.10
C ALA A 306 2.75 -33.43 40.81
N ARG A 307 2.01 -34.04 41.75
CA ARG A 307 2.51 -35.22 42.44
C ARG A 307 2.55 -36.43 41.53
N ALA A 308 1.58 -36.54 40.62
CA ALA A 308 1.61 -37.63 39.64
C ALA A 308 2.79 -37.49 38.70
N LEU A 309 3.25 -36.27 38.44
CA LEU A 309 4.42 -36.08 37.59
C LEU A 309 5.70 -36.47 38.34
N LEU A 310 5.78 -36.15 39.64
CA LEU A 310 6.94 -36.59 40.40
C LEU A 310 6.97 -38.11 40.52
N ALA A 311 5.79 -38.74 40.69
CA ALA A 311 5.75 -40.19 40.77
C ALA A 311 6.16 -40.83 39.46
N ASP A 312 5.75 -40.25 38.33
CA ASP A 312 6.17 -40.76 37.03
C ASP A 312 7.67 -40.62 36.83
N VAL A 313 8.28 -39.60 37.44
CA VAL A 313 9.73 -39.45 37.36
C VAL A 313 10.43 -40.44 38.29
N ALA A 314 9.87 -40.69 39.47
CA ALA A 314 10.47 -41.67 40.37
C ALA A 314 10.42 -43.07 39.78
N GLU A 315 9.48 -43.34 38.87
CA GLU A 315 9.32 -44.65 38.28
C GLU A 315 10.02 -44.78 36.93
N ASN A 316 9.93 -43.76 36.08
CA ASN A 316 10.48 -43.81 34.73
C ASN A 316 11.45 -42.67 34.43
N GLY A 317 12.07 -42.09 35.46
CA GLY A 317 12.93 -40.94 35.23
C GLY A 317 14.15 -41.27 34.40
N GLU A 318 14.74 -42.45 34.62
CA GLU A 318 15.89 -42.88 33.84
C GLU A 318 15.54 -42.96 32.35
N ALA A 319 14.41 -43.60 32.03
CA ALA A 319 14.00 -43.73 30.64
C ALA A 319 13.52 -42.42 30.04
N LEU A 320 13.05 -41.48 30.87
CA LEU A 320 12.62 -40.18 30.40
C LEU A 320 13.75 -39.16 30.34
N GLY A 321 14.88 -39.44 30.98
CA GLY A 321 15.99 -38.51 31.01
C GLY A 321 15.91 -37.45 32.08
N VAL A 322 15.05 -37.63 33.08
CA VAL A 322 14.90 -36.67 34.17
C VAL A 322 15.75 -37.15 35.35
N LEU A 323 16.63 -36.29 35.83
CA LEU A 323 17.51 -36.62 36.94
C LEU A 323 16.87 -36.31 38.29
N GLU A 324 16.16 -35.20 38.39
CA GLU A 324 15.49 -34.81 39.64
C GLU A 324 14.27 -33.96 39.30
N ALA A 325 13.28 -34.00 40.18
CA ALA A 325 12.00 -33.32 39.94
C ALA A 325 11.49 -32.79 41.27
N THR A 326 11.43 -31.47 41.39
CA THR A 326 10.87 -30.81 42.56
C THR A 326 9.56 -30.14 42.19
N MET A 327 8.89 -29.58 43.21
CA MET A 327 7.61 -28.92 42.96
C MET A 327 7.38 -27.87 44.03
N ARG A 328 6.52 -26.91 43.71
CA ARG A 328 5.98 -25.97 44.67
C ARG A 328 4.54 -25.67 44.27
N GLU A 329 3.78 -25.11 45.21
CA GLU A 329 2.34 -24.97 45.01
C GLU A 329 1.85 -23.70 45.69
N SER A 330 0.73 -23.18 45.19
CA SER A 330 0.08 -22.03 45.79
C SER A 330 -0.85 -22.48 46.93
N GLY A 331 -1.32 -21.51 47.69
CA GLY A 331 -2.10 -21.80 48.89
C GLY A 331 -3.60 -21.90 48.68
N ALA A 332 -4.36 -21.41 49.64
CA ALA A 332 -5.81 -21.56 49.62
C ALA A 332 -6.46 -20.49 48.76
N HIS A 333 -7.56 -20.89 48.11
CA HIS A 333 -8.27 -20.00 47.20
C HIS A 333 -9.05 -18.94 47.99
N VAL A 334 -8.88 -17.68 47.60
CA VAL A 334 -9.57 -16.56 48.24
C VAL A 334 -10.86 -16.27 47.47
N TRP A 335 -11.95 -16.08 48.22
CA TRP A 335 -13.28 -15.90 47.62
C TRP A 335 -13.78 -14.47 47.69
N GLY A 336 -12.98 -13.52 48.17
CA GLY A 336 -13.45 -12.15 48.28
C GLY A 336 -12.62 -11.15 47.49
N SER A 337 -12.55 -9.92 47.98
CA SER A 337 -11.73 -8.88 47.37
C SER A 337 -10.34 -8.94 47.99
N SER A 338 -9.33 -9.19 47.16
CA SER A 338 -7.96 -9.34 47.64
C SER A 338 -7.42 -8.01 48.16
N GLN B 15 1.26 -6.34 -6.10
CA GLN B 15 0.72 -6.53 -7.44
C GLN B 15 -0.76 -6.14 -7.50
N GLN B 16 -1.34 -5.88 -6.34
CA GLN B 16 -2.70 -5.36 -6.28
C GLN B 16 -2.69 -3.86 -6.50
N PRO B 17 -3.74 -3.30 -7.11
CA PRO B 17 -3.80 -1.85 -7.28
C PRO B 17 -3.87 -1.15 -5.93
N ARG B 18 -3.26 0.03 -5.87
CA ARG B 18 -3.22 0.76 -4.61
C ARG B 18 -3.31 2.26 -4.88
N MET B 19 -3.83 2.98 -3.90
CA MET B 19 -3.89 4.44 -3.90
C MET B 19 -2.88 4.90 -2.86
N ALA B 20 -1.66 5.18 -3.30
CA ALA B 20 -0.54 5.49 -2.42
C ALA B 20 -0.35 6.99 -2.28
N THR B 21 0.10 7.41 -1.11
CA THR B 21 0.36 8.81 -0.82
C THR B 21 1.76 8.98 -0.24
N GLU B 22 2.42 10.06 -0.65
CA GLU B 22 3.76 10.39 -0.14
C GLU B 22 3.85 11.91 -0.09
N ARG B 23 3.94 12.46 1.13
CA ARG B 23 4.02 13.90 1.36
C ARG B 23 2.84 14.64 0.73
N GLY B 24 1.66 14.03 0.80
CA GLY B 24 0.47 14.63 0.24
C GLY B 24 0.26 14.39 -1.24
N ASN B 25 1.26 13.87 -1.94
CA ASN B 25 1.08 13.51 -3.35
C ASN B 25 0.26 12.24 -3.46
N LEU B 26 -0.64 12.21 -4.45
CA LEU B 26 -1.54 11.09 -4.66
C LEU B 26 -1.11 10.32 -5.90
N VAL B 27 -0.77 9.05 -5.72
CA VAL B 27 -0.29 8.20 -6.81
C VAL B 27 -1.18 6.98 -6.89
N PHE B 28 -1.85 6.81 -8.03
CA PHE B 28 -2.59 5.58 -8.33
C PHE B 28 -1.63 4.61 -9.00
N LEU B 29 -1.17 3.61 -8.26
CA LEU B 29 -0.10 2.71 -8.68
C LEU B 29 -0.68 1.36 -9.03
N THR B 30 -0.26 0.80 -10.17
CA THR B 30 -0.76 -0.48 -10.67
C THR B 30 0.42 -1.43 -10.93
N GLY B 31 0.12 -2.73 -10.89
CA GLY B 31 1.14 -3.77 -10.99
C GLY B 31 1.88 -3.81 -12.32
N SER B 32 2.75 -4.83 -12.45
CA SER B 32 3.70 -4.86 -13.55
C SER B 32 3.02 -4.92 -14.91
N ALA B 33 1.97 -5.75 -15.04
CA ALA B 33 1.27 -5.92 -16.30
C ALA B 33 -0.19 -5.49 -16.23
N GLN B 34 -0.55 -4.68 -15.23
CA GLN B 34 -1.93 -4.25 -15.03
C GLN B 34 -2.12 -2.86 -15.62
N ASN B 35 -3.38 -2.49 -15.81
CA ASN B 35 -3.74 -1.24 -16.45
C ASN B 35 -4.50 -0.32 -15.50
N ILE B 36 -4.43 0.98 -15.82
CA ILE B 36 -5.32 1.98 -15.25
C ILE B 36 -6.29 2.38 -16.35
N GLU B 37 -7.56 2.06 -16.17
CA GLU B 37 -8.54 2.19 -17.23
C GLU B 37 -9.65 3.15 -16.80
N PHE B 38 -9.77 4.27 -17.52
CA PHE B 38 -10.91 5.16 -17.38
C PHE B 38 -12.01 4.68 -18.31
N ARG B 39 -13.22 4.55 -17.80
CA ARG B 39 -14.37 4.12 -18.60
C ARG B 39 -15.52 5.07 -18.36
N THR B 40 -16.05 5.65 -19.43
CA THR B 40 -17.14 6.61 -19.35
C THR B 40 -18.41 6.03 -19.96
N GLY B 41 -19.54 6.50 -19.44
CA GLY B 41 -20.83 6.26 -20.07
C GLY B 41 -21.26 7.45 -20.90
N SER B 42 -22.51 7.41 -21.33
CA SER B 42 -23.06 8.52 -22.10
C SER B 42 -23.07 9.78 -21.24
N LEU B 43 -22.42 10.84 -21.74
CA LEU B 43 -22.22 12.12 -21.07
C LEU B 43 -21.25 12.06 -19.89
N GLY B 44 -20.65 10.90 -19.61
CA GLY B 44 -19.65 10.83 -18.56
C GLY B 44 -18.32 11.41 -19.01
N LYS B 45 -17.61 12.02 -18.07
CA LYS B 45 -16.37 12.72 -18.35
C LYS B 45 -15.31 12.39 -17.32
N ILE B 46 -14.06 12.40 -17.77
CA ILE B 46 -12.89 12.34 -16.91
C ILE B 46 -12.22 13.70 -16.97
N LYS B 47 -12.12 14.38 -15.83
CA LYS B 47 -11.55 15.72 -15.76
C LYS B 47 -10.20 15.65 -15.06
N LEU B 48 -9.18 16.21 -15.70
CA LEU B 48 -7.83 16.30 -15.14
C LEU B 48 -7.50 17.78 -15.01
N ASN B 49 -7.62 18.32 -13.80
CA ASN B 49 -7.45 19.75 -13.54
C ASN B 49 -8.40 20.59 -14.41
N ASP B 50 -9.68 20.22 -14.38
CA ASP B 50 -10.76 20.89 -15.09
C ASP B 50 -10.64 20.76 -16.61
N GLU B 51 -9.83 19.84 -17.12
CA GLU B 51 -9.69 19.62 -18.55
C GLU B 51 -10.32 18.29 -18.93
N ASP B 52 -11.24 18.32 -19.88
CA ASP B 52 -11.90 17.11 -20.35
C ASP B 52 -10.90 16.24 -21.09
N LEU B 53 -10.65 15.03 -20.58
CA LEU B 53 -9.65 14.16 -21.19
C LEU B 53 -10.08 13.75 -22.60
N SER B 54 -11.37 13.48 -22.79
CA SER B 54 -11.84 13.05 -24.10
C SER B 54 -11.72 14.19 -25.13
N GLU B 55 -12.01 15.42 -24.71
CA GLU B 55 -11.86 16.56 -25.62
C GLU B 55 -10.41 16.73 -26.05
N CYS B 56 -9.46 16.49 -25.14
CA CYS B 56 -8.06 16.62 -25.48
C CYS B 56 -7.64 15.57 -26.50
N LEU B 57 -8.11 14.33 -26.34
CA LEU B 57 -7.77 13.28 -27.30
C LEU B 57 -8.36 13.59 -28.67
N HIS B 58 -9.56 14.17 -28.71
CA HIS B 58 -10.17 14.54 -29.98
C HIS B 58 -9.40 15.68 -30.65
N GLN B 59 -8.90 16.63 -29.85
CA GLN B 59 -8.14 17.74 -30.41
C GLN B 59 -6.83 17.24 -31.02
N ILE B 60 -6.20 16.26 -30.37
CA ILE B 60 -5.01 15.63 -30.95
C ILE B 60 -5.36 14.97 -32.28
N GLN B 61 -6.49 14.28 -32.33
CA GLN B 61 -6.91 13.62 -33.56
C GLN B 61 -7.25 14.64 -34.64
N LYS B 62 -7.91 15.73 -34.27
CA LYS B 62 -8.24 16.76 -35.26
C LYS B 62 -6.98 17.43 -35.78
N ASN B 63 -6.00 17.67 -34.91
CA ASN B 63 -4.71 18.18 -35.36
C ASN B 63 -4.05 17.19 -36.31
N LYS B 64 -4.13 15.90 -36.00
CA LYS B 64 -3.55 14.86 -36.86
C LYS B 64 -4.17 14.90 -38.25
N GLU B 65 -5.50 15.07 -38.33
CA GLU B 65 -6.17 15.06 -39.62
C GLU B 65 -5.99 16.36 -40.37
N ASP B 66 -5.98 17.50 -39.66
CA ASP B 66 -5.71 18.77 -40.31
C ASP B 66 -4.30 18.81 -40.88
N ILE B 67 -3.34 18.15 -40.22
CA ILE B 67 -1.98 18.09 -40.73
C ILE B 67 -1.92 17.24 -41.99
N ILE B 68 -2.69 16.15 -42.05
CA ILE B 68 -2.69 15.29 -43.23
C ILE B 68 -3.17 16.07 -44.46
N GLU B 69 -4.24 16.86 -44.30
CA GLU B 69 -4.73 17.66 -45.41
C GLU B 69 -3.75 18.77 -45.77
N LEU B 70 -3.12 19.39 -44.76
CA LEU B 70 -2.12 20.42 -45.06
C LEU B 70 -0.96 19.87 -45.88
N LYS B 71 -0.58 18.62 -45.61
CA LYS B 71 0.44 17.97 -46.44
C LYS B 71 -0.06 17.76 -47.86
N GLY B 72 -1.34 17.39 -48.02
CA GLY B 72 -1.88 17.24 -49.36
C GLY B 72 -1.89 18.53 -50.14
N SER B 73 -2.14 19.65 -49.45
CA SER B 73 -2.07 20.97 -50.08
C SER B 73 -0.63 21.43 -50.30
N ALA B 74 0.35 20.77 -49.66
CA ALA B 74 1.75 21.05 -49.95
C ALA B 74 2.25 20.28 -51.16
N ILE B 75 1.58 19.19 -51.51
CA ILE B 75 1.85 18.44 -52.73
C ILE B 75 1.17 19.16 -53.89
N GLY B 76 1.80 19.12 -55.06
CA GLY B 76 1.35 19.89 -56.19
C GLY B 76 1.88 21.30 -56.25
N LEU B 77 2.68 21.71 -55.27
CA LEU B 77 3.32 23.00 -55.32
C LEU B 77 4.57 22.93 -56.19
N PRO B 78 5.00 24.08 -56.76
CA PRO B 78 6.12 24.06 -57.73
C PRO B 78 7.35 23.32 -57.23
N GLN B 79 8.21 22.90 -58.17
CA GLN B 79 9.38 22.07 -57.93
C GLN B 79 10.01 22.41 -56.59
N ASN B 80 10.52 23.64 -56.50
CA ASN B 80 10.77 24.30 -55.22
C ASN B 80 10.93 25.77 -55.53
N ILE B 81 9.96 26.58 -55.11
CA ILE B 81 9.91 28.01 -55.43
C ILE B 81 11.09 28.75 -54.81
N SER B 82 11.77 28.16 -53.83
CA SER B 82 12.86 28.87 -53.16
C SER B 82 13.94 29.31 -54.16
N SER B 83 14.32 28.43 -55.09
CA SER B 83 15.31 28.79 -56.10
C SER B 83 14.72 29.78 -57.10
N GLN B 84 13.44 29.60 -57.44
CA GLN B 84 12.78 30.50 -58.37
C GLN B 84 12.60 31.89 -57.77
N ILE B 85 12.96 32.07 -56.49
CA ILE B 85 13.02 33.40 -55.90
C ILE B 85 14.26 34.15 -56.39
N TYR B 86 15.40 33.46 -56.52
CA TYR B 86 16.61 34.09 -57.04
C TYR B 86 16.71 34.07 -58.57
N GLN B 87 15.60 33.88 -59.28
CA GLN B 87 15.50 34.37 -60.65
C GLN B 87 14.56 35.55 -60.76
N LEU B 88 13.86 35.89 -59.68
CA LEU B 88 13.09 37.12 -59.62
C LEU B 88 14.03 38.31 -59.51
N ASN B 89 14.77 38.38 -58.40
CA ASN B 89 15.68 39.49 -58.13
C ASN B 89 16.89 39.51 -59.05
N SER B 90 17.25 38.35 -59.63
CA SER B 90 18.32 38.34 -60.63
C SER B 90 17.98 39.23 -61.80
N LYS B 91 16.73 39.18 -62.28
CA LYS B 91 16.30 40.03 -63.37
C LYS B 91 15.72 41.36 -62.92
N LEU B 92 15.46 41.53 -61.62
CA LEU B 92 15.25 42.87 -61.10
C LEU B 92 16.54 43.66 -61.14
N VAL B 93 17.66 43.03 -60.76
CA VAL B 93 18.97 43.66 -60.87
C VAL B 93 19.30 43.93 -62.34
N ASP B 94 18.91 43.04 -63.24
CA ASP B 94 19.14 43.29 -64.66
C ASP B 94 18.43 44.56 -65.11
N LEU B 95 17.16 44.72 -64.74
CA LEU B 95 16.38 45.84 -65.25
C LEU B 95 16.94 47.18 -64.75
N GLU B 96 17.29 47.25 -63.47
CA GLU B 96 17.82 48.48 -62.88
C GLU B 96 19.12 48.91 -63.54
N ASN C 13 -25.25 3.05 -6.51
CA ASN C 13 -23.87 2.59 -6.30
C ASN C 13 -23.20 2.25 -7.64
N LEU C 14 -23.54 1.09 -8.20
CA LEU C 14 -22.85 0.61 -9.39
C LEU C 14 -23.12 1.46 -10.63
N GLN C 15 -24.15 2.30 -10.60
CA GLN C 15 -24.45 3.15 -11.74
C GLN C 15 -23.79 4.52 -11.66
N GLN C 16 -23.37 4.93 -10.48
CA GLN C 16 -22.80 6.24 -10.23
C GLN C 16 -21.28 6.16 -10.20
N PRO C 17 -20.59 7.30 -10.28
CA PRO C 17 -19.12 7.27 -10.34
C PRO C 17 -18.50 6.44 -9.22
N ARG C 18 -17.54 5.60 -9.59
CA ARG C 18 -16.93 4.69 -8.65
C ARG C 18 -15.55 4.31 -9.16
N MET C 19 -14.73 3.80 -8.25
CA MET C 19 -13.41 3.27 -8.57
C MET C 19 -13.35 1.84 -8.07
N ALA C 20 -12.94 0.92 -8.95
CA ALA C 20 -12.95 -0.49 -8.62
C ALA C 20 -11.73 -1.16 -9.25
N THR C 21 -11.57 -2.45 -8.98
CA THR C 21 -10.51 -3.24 -9.56
C THR C 21 -11.11 -4.37 -10.39
N GLU C 22 -10.32 -4.85 -11.35
CA GLU C 22 -10.77 -5.90 -12.27
C GLU C 22 -9.54 -6.67 -12.67
N ARG C 23 -9.32 -7.82 -12.03
CA ARG C 23 -8.20 -8.70 -12.32
C ARG C 23 -6.85 -7.97 -12.27
N GLY C 24 -6.62 -7.21 -11.20
CA GLY C 24 -5.39 -6.48 -11.05
C GLY C 24 -5.39 -5.09 -11.65
N ASN C 25 -6.34 -4.79 -12.53
CA ASN C 25 -6.42 -3.50 -13.18
C ASN C 25 -7.21 -2.52 -12.31
N LEU C 26 -6.78 -1.26 -12.33
CA LEU C 26 -7.53 -0.19 -11.67
C LEU C 26 -8.48 0.44 -12.68
N VAL C 27 -9.76 0.51 -12.32
CA VAL C 27 -10.80 0.95 -13.24
C VAL C 27 -11.56 2.10 -12.61
N PHE C 28 -11.64 3.23 -13.31
CA PHE C 28 -12.49 4.35 -12.93
C PHE C 28 -13.69 4.37 -13.87
N LEU C 29 -14.89 4.23 -13.30
CA LEU C 29 -16.12 4.17 -14.08
C LEU C 29 -17.01 5.34 -13.68
N THR C 30 -17.34 6.19 -14.65
CA THR C 30 -18.15 7.36 -14.36
C THR C 30 -19.64 7.05 -14.38
N GLY C 31 -20.08 6.17 -15.25
CA GLY C 31 -21.50 5.96 -15.46
C GLY C 31 -22.08 7.05 -16.35
N SER C 32 -23.41 7.12 -16.34
CA SER C 32 -24.11 8.08 -17.18
C SER C 32 -24.12 9.46 -16.54
N ALA C 33 -23.81 10.47 -17.35
CA ALA C 33 -24.02 11.89 -17.04
C ALA C 33 -23.36 12.33 -15.73
N GLN C 34 -22.29 11.66 -15.32
CA GLN C 34 -21.55 12.06 -14.13
C GLN C 34 -20.06 11.95 -14.42
N ASN C 35 -19.26 12.59 -13.58
CA ASN C 35 -17.84 12.75 -13.83
C ASN C 35 -17.00 12.11 -12.72
N ILE C 36 -15.76 11.78 -13.08
CA ILE C 36 -14.69 11.47 -12.14
C ILE C 36 -13.59 12.50 -12.37
N GLU C 37 -13.33 13.33 -11.36
CA GLU C 37 -12.47 14.49 -11.52
C GLU C 37 -11.28 14.41 -10.59
N PHE C 38 -10.11 14.80 -11.10
CA PHE C 38 -8.87 14.84 -10.34
C PHE C 38 -8.35 16.27 -10.39
N ARG C 39 -8.25 16.91 -9.22
CA ARG C 39 -7.80 18.29 -9.13
C ARG C 39 -6.60 18.38 -8.20
N THR C 40 -5.58 19.10 -8.63
CA THR C 40 -4.40 19.36 -7.83
C THR C 40 -4.42 20.83 -7.41
N GLY C 41 -3.44 21.21 -6.58
CA GLY C 41 -3.31 22.58 -6.16
C GLY C 41 -2.73 23.48 -7.24
N SER C 42 -2.57 24.75 -6.88
CA SER C 42 -2.08 25.75 -7.82
C SER C 42 -0.73 25.37 -8.40
N LEU C 43 0.12 24.71 -7.63
CA LEU C 43 1.48 24.36 -8.05
C LEU C 43 1.66 22.87 -8.28
N GLY C 44 0.59 22.08 -8.22
CA GLY C 44 0.71 20.67 -8.46
C GLY C 44 0.64 20.31 -9.93
N LYS C 45 1.05 19.08 -10.23
CA LYS C 45 1.06 18.56 -11.59
C LYS C 45 0.28 17.25 -11.63
N ILE C 46 -0.15 16.88 -12.84
CA ILE C 46 -0.80 15.59 -13.08
C ILE C 46 0.07 14.80 -14.04
N LYS C 47 0.44 13.59 -13.64
CA LYS C 47 1.35 12.76 -14.42
C LYS C 47 0.61 11.53 -14.93
N LEU C 48 0.72 11.30 -16.24
CA LEU C 48 0.18 10.10 -16.88
C LEU C 48 1.39 9.24 -17.23
N ASN C 49 1.73 8.31 -16.33
CA ASN C 49 3.01 7.61 -16.35
C ASN C 49 4.15 8.62 -16.41
N ASP C 50 4.83 8.70 -17.55
CA ASP C 50 5.96 9.60 -17.71
C ASP C 50 5.60 10.93 -18.34
N GLU C 51 4.33 11.16 -18.71
CA GLU C 51 3.94 12.36 -19.41
C GLU C 51 3.38 13.33 -18.40
N ASP C 52 3.76 14.59 -18.55
CA ASP C 52 3.18 15.67 -17.77
C ASP C 52 1.97 16.23 -18.51
N LEU C 53 0.83 16.31 -17.82
CA LEU C 53 -0.41 16.73 -18.46
C LEU C 53 -0.32 18.15 -19.00
N SER C 54 0.08 19.09 -18.14
CA SER C 54 0.09 20.49 -18.55
C SER C 54 1.07 20.71 -19.70
N GLU C 55 2.19 19.98 -19.69
CA GLU C 55 3.15 20.08 -20.78
C GLU C 55 2.55 19.54 -22.07
N CYS C 56 1.75 18.49 -22.00
CA CYS C 56 1.06 17.99 -23.19
C CYS C 56 0.03 18.99 -23.70
N LEU C 57 -0.76 19.58 -22.79
CA LEU C 57 -1.83 20.48 -23.22
C LEU C 57 -1.25 21.72 -23.89
N HIS C 58 -0.14 22.24 -23.38
CA HIS C 58 0.48 23.41 -23.99
C HIS C 58 0.90 23.14 -25.42
N GLN C 59 1.43 21.93 -25.68
CA GLN C 59 1.84 21.59 -27.03
C GLN C 59 0.64 21.37 -27.95
N ILE C 60 -0.45 20.83 -27.40
CA ILE C 60 -1.68 20.68 -28.18
C ILE C 60 -2.18 22.03 -28.65
N GLN C 61 -2.23 23.01 -27.73
CA GLN C 61 -2.71 24.34 -28.08
C GLN C 61 -1.77 25.02 -29.08
N LYS C 62 -0.47 24.83 -28.92
CA LYS C 62 0.49 25.41 -29.86
C LYS C 62 0.34 24.77 -31.24
N ASN C 63 0.17 23.45 -31.28
CA ASN C 63 -0.08 22.79 -32.57
C ASN C 63 -1.37 23.31 -33.20
N LYS C 64 -2.40 23.53 -32.38
CA LYS C 64 -3.67 24.01 -32.90
C LYS C 64 -3.52 25.40 -33.53
N GLU C 65 -2.80 26.29 -32.86
CA GLU C 65 -2.62 27.64 -33.39
C GLU C 65 -1.75 27.63 -34.63
N ASP C 66 -0.73 26.76 -34.67
CA ASP C 66 0.12 26.68 -35.86
C ASP C 66 -0.66 26.14 -37.06
N ILE C 67 -1.57 25.19 -36.82
CA ILE C 67 -2.37 24.65 -37.90
C ILE C 67 -3.30 25.72 -38.47
N ILE C 68 -3.78 26.63 -37.59
CA ILE C 68 -4.69 27.68 -38.04
C ILE C 68 -3.99 28.63 -39.01
N GLU C 69 -2.75 29.00 -38.70
CA GLU C 69 -2.04 29.90 -39.60
C GLU C 69 -1.56 29.17 -40.86
N LEU C 70 -1.19 27.90 -40.74
CA LEU C 70 -0.82 27.14 -41.92
C LEU C 70 -2.02 26.91 -42.83
N LYS C 71 -3.20 26.71 -42.24
CA LYS C 71 -4.40 26.50 -43.03
C LYS C 71 -4.80 27.78 -43.76
N GLY C 72 -4.73 28.92 -43.08
CA GLY C 72 -5.04 30.18 -43.73
C GLY C 72 -4.06 30.55 -44.82
N SER C 73 -2.80 30.12 -44.67
CA SER C 73 -1.80 30.39 -45.70
C SER C 73 -2.03 29.53 -46.94
N ALA C 74 -2.37 28.26 -46.73
CA ALA C 74 -2.62 27.37 -47.86
C ALA C 74 -3.83 27.82 -48.67
N ILE C 75 -4.90 28.24 -48.00
CA ILE C 75 -6.07 28.79 -48.69
C ILE C 75 -5.70 30.06 -49.43
N GLY C 76 -4.90 30.94 -48.81
CA GLY C 76 -4.51 32.19 -49.43
C GLY C 76 -3.61 32.04 -50.64
N LEU C 77 -3.03 30.86 -50.83
CA LEU C 77 -2.20 30.64 -52.01
C LEU C 77 -3.04 30.76 -53.26
N PRO C 78 -2.51 31.41 -54.30
CA PRO C 78 -3.19 31.40 -55.60
C PRO C 78 -3.07 30.03 -56.23
N GLN C 79 -4.11 29.65 -56.95
CA GLN C 79 -4.11 28.40 -57.70
C GLN C 79 -3.40 28.54 -59.04
N ASN C 80 -2.72 29.66 -59.27
CA ASN C 80 -2.15 30.02 -60.57
C ASN C 80 -0.63 29.93 -60.59
N ILE C 81 -0.01 29.51 -59.48
CA ILE C 81 1.41 29.75 -59.24
C ILE C 81 2.28 29.31 -60.42
N SER C 82 2.02 28.11 -60.95
CA SER C 82 2.79 27.65 -62.09
C SER C 82 2.54 28.52 -63.32
N SER C 83 1.27 28.88 -63.57
CA SER C 83 0.98 29.79 -64.67
C SER C 83 1.63 31.15 -64.46
N GLN C 84 1.84 31.55 -63.21
CA GLN C 84 2.44 32.85 -62.92
C GLN C 84 3.93 32.86 -63.24
N ILE C 85 4.60 31.73 -63.06
CA ILE C 85 6.02 31.64 -63.39
C ILE C 85 6.22 31.75 -64.91
N TYR C 86 5.42 31.02 -65.69
CA TYR C 86 5.47 31.16 -67.14
C TYR C 86 5.01 32.56 -67.56
N GLN C 87 4.02 33.11 -66.86
CA GLN C 87 3.63 34.50 -67.08
C GLN C 87 4.81 35.42 -66.87
N LEU C 88 5.58 35.21 -65.80
CA LEU C 88 6.68 36.12 -65.51
C LEU C 88 7.79 36.02 -66.56
N ASN C 89 8.02 34.84 -67.13
CA ASN C 89 9.10 34.71 -68.10
C ASN C 89 8.66 34.94 -69.54
N SER C 90 7.35 34.97 -69.82
CA SER C 90 6.90 35.46 -71.13
C SER C 90 7.02 36.97 -71.23
N LYS C 91 7.04 37.67 -70.10
CA LYS C 91 7.33 39.09 -70.07
C LYS C 91 8.83 39.37 -70.00
N LEU C 92 9.59 38.50 -69.34
CA LEU C 92 11.05 38.63 -69.40
C LEU C 92 11.56 38.35 -70.81
N VAL C 93 10.92 37.43 -71.53
CA VAL C 93 11.21 37.25 -72.94
C VAL C 93 10.84 38.50 -73.72
N ASP C 94 9.74 39.16 -73.33
CA ASP C 94 9.36 40.41 -73.98
C ASP C 94 10.35 41.52 -73.66
N LEU C 95 10.87 41.55 -72.44
CA LEU C 95 11.85 42.56 -72.04
C LEU C 95 13.11 42.47 -72.88
N ASN D 13 1.19 20.99 8.36
CA ASN D 13 0.60 22.07 7.57
C ASN D 13 0.40 21.66 6.09
N LEU D 14 0.82 20.44 5.77
CA LEU D 14 0.55 19.85 4.47
C LEU D 14 -0.91 19.44 4.38
N GLN D 15 -1.55 19.73 3.24
CA GLN D 15 -2.94 19.38 3.05
C GLN D 15 -3.09 17.89 2.76
N GLN D 16 -4.07 17.27 3.39
CA GLN D 16 -4.29 15.84 3.21
C GLN D 16 -4.94 15.58 1.86
N PRO D 17 -4.48 14.57 1.12
CA PRO D 17 -5.22 14.16 -0.08
C PRO D 17 -6.63 13.71 0.28
N ARG D 18 -7.58 14.05 -0.58
CA ARG D 18 -8.99 13.87 -0.24
C ARG D 18 -9.75 13.29 -1.42
N MET D 19 -10.62 12.33 -1.13
CA MET D 19 -11.60 11.81 -2.07
C MET D 19 -12.98 12.18 -1.54
N ALA D 20 -13.79 12.81 -2.39
CA ALA D 20 -15.09 13.31 -1.93
C ALA D 20 -16.13 13.15 -3.03
N THR D 21 -17.39 13.15 -2.61
CA THR D 21 -18.52 13.24 -3.52
C THR D 21 -18.90 14.70 -3.68
N GLU D 22 -19.09 15.12 -4.93
CA GLU D 22 -19.26 16.53 -5.23
C GLU D 22 -20.21 16.65 -6.41
N ARG D 23 -21.46 17.05 -6.13
CA ARG D 23 -22.50 17.19 -7.16
C ARG D 23 -22.75 15.87 -7.87
N GLY D 24 -22.63 14.77 -7.15
CA GLY D 24 -22.80 13.45 -7.71
C GLY D 24 -21.59 12.89 -8.41
N ASN D 25 -20.46 13.59 -8.37
CA ASN D 25 -19.25 13.18 -9.07
C ASN D 25 -18.19 12.73 -8.06
N LEU D 26 -17.42 11.73 -8.44
CA LEU D 26 -16.29 11.27 -7.63
C LEU D 26 -15.09 12.18 -7.91
N VAL D 27 -14.56 12.80 -6.87
CA VAL D 27 -13.54 13.83 -7.00
C VAL D 27 -12.35 13.48 -6.11
N PHE D 28 -11.14 13.66 -6.64
CA PHE D 28 -9.89 13.46 -5.92
C PHE D 28 -9.15 14.79 -5.87
N LEU D 29 -8.69 15.17 -4.69
CA LEU D 29 -8.13 16.50 -4.45
C LEU D 29 -6.83 16.39 -3.68
N THR D 30 -5.82 17.16 -4.11
CA THR D 30 -4.57 17.30 -3.40
C THR D 30 -4.28 18.76 -3.10
N GLY D 31 -3.20 19.00 -2.36
CA GLY D 31 -2.88 20.31 -1.85
C GLY D 31 -2.14 21.19 -2.82
N SER D 32 -1.60 22.29 -2.29
CA SER D 32 -1.11 23.39 -3.11
C SER D 32 -0.05 22.92 -4.12
N ALA D 33 0.94 22.17 -3.65
CA ALA D 33 2.05 21.73 -4.50
C ALA D 33 2.16 20.21 -4.57
N GLN D 34 1.03 19.51 -4.43
CA GLN D 34 1.00 18.06 -4.41
C GLN D 34 0.43 17.54 -5.72
N ASN D 35 1.02 16.47 -6.23
CA ASN D 35 0.67 15.94 -7.54
C ASN D 35 -0.38 14.85 -7.45
N ILE D 36 -0.99 14.55 -8.60
CA ILE D 36 -1.84 13.39 -8.79
C ILE D 36 -1.27 12.62 -9.97
N GLU D 37 -0.76 11.42 -9.71
CA GLU D 37 -0.03 10.66 -10.71
C GLU D 37 -0.69 9.31 -10.95
N PHE D 38 -0.67 8.87 -12.20
CA PHE D 38 -1.16 7.56 -12.60
C PHE D 38 0.03 6.78 -13.14
N ARG D 39 0.37 5.67 -12.47
CA ARG D 39 1.61 4.96 -12.79
C ARG D 39 1.30 3.48 -12.91
N THR D 40 1.61 2.92 -14.07
CA THR D 40 1.46 1.50 -14.32
C THR D 40 2.81 0.82 -14.32
N GLY D 41 2.79 -0.52 -14.25
CA GLY D 41 4.00 -1.29 -14.40
C GLY D 41 4.57 -1.14 -15.80
N SER D 42 5.75 -1.75 -15.98
CA SER D 42 6.48 -1.62 -17.24
C SER D 42 5.69 -2.17 -18.43
N LEU D 43 4.75 -3.08 -18.21
CA LEU D 43 3.96 -3.65 -19.29
C LEU D 43 2.49 -3.22 -19.25
N GLY D 44 2.16 -2.24 -18.40
CA GLY D 44 0.78 -1.80 -18.30
C GLY D 44 0.48 -0.56 -19.13
N LYS D 45 -0.81 -0.32 -19.33
CA LYS D 45 -1.28 0.78 -20.16
C LYS D 45 -2.24 1.64 -19.35
N ILE D 46 -2.34 2.91 -19.74
CA ILE D 46 -3.37 3.82 -19.24
C ILE D 46 -4.35 4.03 -20.38
N LYS D 47 -5.62 3.73 -20.15
CA LYS D 47 -6.62 3.70 -21.20
C LYS D 47 -7.81 4.59 -20.85
N LEU D 48 -8.40 5.17 -21.89
CA LEU D 48 -9.69 5.83 -21.80
C LEU D 48 -10.59 5.19 -22.85
N ASN D 49 -11.48 4.30 -22.41
CA ASN D 49 -12.37 3.56 -23.31
C ASN D 49 -11.57 2.82 -24.39
N ASP D 50 -10.69 1.94 -23.94
CA ASP D 50 -9.91 1.05 -24.80
C ASP D 50 -8.85 1.77 -25.65
N GLU D 51 -8.81 3.10 -25.60
CA GLU D 51 -7.79 3.86 -26.32
C GLU D 51 -6.58 4.07 -25.42
N ASP D 52 -5.41 3.65 -25.91
CA ASP D 52 -4.16 3.82 -25.18
C ASP D 52 -3.77 5.29 -25.13
N LEU D 53 -3.60 5.82 -23.92
CA LEU D 53 -3.27 7.24 -23.77
C LEU D 53 -1.84 7.53 -24.21
N SER D 54 -0.92 6.60 -23.97
CA SER D 54 0.48 6.86 -24.31
C SER D 54 0.66 7.05 -25.80
N GLU D 55 -0.14 6.36 -26.63
CA GLU D 55 -0.06 6.54 -28.07
C GLU D 55 -0.71 7.85 -28.51
N CYS D 56 -1.75 8.29 -27.83
CA CYS D 56 -2.35 9.59 -28.15
C CYS D 56 -1.42 10.73 -27.77
N LEU D 57 -0.77 10.63 -26.61
CA LEU D 57 0.14 11.68 -26.19
C LEU D 57 1.41 11.70 -27.03
N HIS D 58 1.83 10.54 -27.54
CA HIS D 58 2.94 10.52 -28.48
C HIS D 58 2.57 11.16 -29.81
N GLN D 59 1.29 11.12 -30.17
CA GLN D 59 0.83 11.76 -31.39
C GLN D 59 1.01 13.28 -31.32
N ILE D 60 1.01 13.84 -30.11
CA ILE D 60 1.32 15.26 -29.94
C ILE D 60 2.71 15.56 -30.47
N GLN D 61 3.67 14.68 -30.19
CA GLN D 61 5.04 14.88 -30.67
C GLN D 61 5.12 14.73 -32.18
N LYS D 62 4.45 13.71 -32.73
CA LYS D 62 4.42 13.53 -34.18
C LYS D 62 3.77 14.73 -34.86
N ASN D 63 2.69 15.26 -34.28
CA ASN D 63 2.07 16.45 -34.83
C ASN D 63 3.02 17.64 -34.77
N LYS D 64 3.78 17.76 -33.68
CA LYS D 64 4.74 18.84 -33.55
C LYS D 64 5.81 18.77 -34.63
N GLU D 65 6.26 17.57 -34.97
CA GLU D 65 7.33 17.42 -35.94
C GLU D 65 6.83 17.68 -37.36
N ASP D 66 5.62 17.18 -37.69
CA ASP D 66 5.07 17.43 -39.01
C ASP D 66 4.79 18.91 -39.24
N ILE D 67 4.41 19.63 -38.18
CA ILE D 67 4.21 21.07 -38.30
C ILE D 67 5.53 21.77 -38.59
N ILE D 68 6.62 21.26 -38.01
CA ILE D 68 7.94 21.83 -38.30
C ILE D 68 8.29 21.68 -39.78
N GLU D 69 8.00 20.51 -40.35
CA GLU D 69 8.23 20.32 -41.79
C GLU D 69 7.33 21.24 -42.61
N LEU D 70 6.04 21.32 -42.23
CA LEU D 70 5.12 22.18 -42.96
C LEU D 70 5.52 23.64 -42.87
N LYS D 71 6.09 24.07 -41.74
CA LYS D 71 6.53 25.45 -41.62
C LYS D 71 7.69 25.75 -42.55
N GLY D 72 8.47 24.74 -42.92
CA GLY D 72 9.58 24.89 -43.84
C GLY D 72 9.24 24.66 -45.29
N SER D 73 7.99 24.36 -45.62
CA SER D 73 7.56 24.16 -46.98
C SER D 73 7.05 25.47 -47.56
N ALA D 74 6.50 25.40 -48.78
CA ALA D 74 5.98 26.60 -49.44
C ALA D 74 4.91 27.31 -48.62
N ILE D 75 4.26 26.61 -47.71
CA ILE D 75 3.38 27.23 -46.73
C ILE D 75 4.24 27.56 -45.50
N GLY D 76 4.13 28.80 -45.02
CA GLY D 76 4.75 29.12 -43.76
C GLY D 76 5.80 30.21 -43.74
N LEU D 77 6.64 30.26 -44.77
CA LEU D 77 7.68 31.27 -44.90
C LEU D 77 7.10 32.62 -44.49
N PRO D 78 7.64 33.27 -43.45
CA PRO D 78 6.96 34.42 -42.85
C PRO D 78 6.66 35.56 -43.82
N GLN D 79 7.18 35.51 -45.04
CA GLN D 79 6.64 36.28 -46.16
C GLN D 79 6.20 35.26 -47.21
N ASN D 80 4.89 35.15 -47.41
CA ASN D 80 4.38 34.02 -48.17
C ASN D 80 4.84 34.09 -49.63
N ILE D 81 4.87 32.91 -50.26
CA ILE D 81 5.09 32.85 -51.71
C ILE D 81 4.09 33.77 -52.40
N SER D 82 2.85 33.77 -51.92
CA SER D 82 1.85 34.72 -52.41
C SER D 82 2.33 36.17 -52.23
N SER D 83 3.06 36.44 -51.15
CA SER D 83 3.56 37.79 -50.92
C SER D 83 4.62 38.17 -51.95
N GLN D 84 5.62 37.31 -52.12
CA GLN D 84 6.67 37.59 -53.11
C GLN D 84 6.10 37.76 -54.51
N ILE D 85 5.31 36.79 -54.98
CA ILE D 85 4.70 36.91 -56.29
C ILE D 85 3.86 38.18 -56.38
N TYR D 86 3.17 38.52 -55.28
CA TYR D 86 2.42 39.78 -55.27
C TYR D 86 3.35 40.96 -55.52
N GLN D 87 4.57 40.90 -55.00
CA GLN D 87 5.50 42.02 -55.13
C GLN D 87 5.96 42.23 -56.57
N LEU D 88 6.18 41.14 -57.30
CA LEU D 88 6.71 41.26 -58.66
C LEU D 88 5.61 41.52 -59.67
N ASN D 89 4.44 40.89 -59.47
CA ASN D 89 3.26 41.35 -60.19
C ASN D 89 3.05 42.83 -59.98
N SER D 90 3.31 43.31 -58.76
CA SER D 90 3.24 44.74 -58.48
C SER D 90 4.24 45.52 -59.32
N LYS D 91 5.54 45.19 -59.17
CA LYS D 91 6.61 45.95 -59.82
C LYS D 91 6.54 45.87 -61.34
N LEU D 92 6.13 44.74 -61.89
CA LEU D 92 6.06 44.68 -63.36
C LEU D 92 4.83 45.38 -63.92
N VAL D 93 3.69 45.33 -63.23
CA VAL D 93 2.62 46.22 -63.68
C VAL D 93 3.06 47.68 -63.55
N ASP D 94 3.86 47.98 -62.52
CA ASP D 94 4.44 49.31 -62.37
C ASP D 94 5.52 49.51 -63.42
#